data_5UUU
#
_entry.id   5UUU
#
_cell.length_a   126.180
_cell.length_b   126.180
_cell.length_c   96.369
_cell.angle_alpha   90.000
_cell.angle_beta   90.000
_cell.angle_gamma   120.000
#
_symmetry.space_group_name_H-M   'P 31 2 1'
#
loop_
_entity.id
_entity.type
_entity.pdbx_description
1 polymer 'Beta-adrenergic receptor kinase 1'
2 non-polymer 3-({[4-methyl-5-(pyridin-4-yl)-4H-1,2,4-triazol-3-yl]methyl}amino)-N-[2-(trifluoromethyl)benzyl]benzamide
3 non-polymer 'SULFATE ION'
4 non-polymer '2-(N-MORPHOLINO)-ETHANESULFONIC ACID'
5 water water
#
_entity_poly.entity_id   1
_entity_poly.type   'polypeptide(L)'
_entity_poly.pdbx_seq_one_letter_code
;MSYYHHHHHHDYDIPTTENLYFQGAMEPGGSTPAARASKKILLPEPSIRSVMQKYLEDRGEVTFEKIFSQKLGYLLFRDF
CLNHLEEARPLVEFYEEIKKYEKLETEEERVARSREIFDSYIMKELLACSHPFSKSATEHVQGHLGKKQVPPDLFQPYIE
EICQNLRGDVFQKFIESDKFTRFCQWKNVELNIHLTMNDFSVHRIIGRGGFGEVYGCRKADTGKMYAMKCLDKKRIKMKQ
GETLALNERIMLSLVSTGDCPFIVCMSYAFHTPDKLSFILDLMNGGDLHYHLSQHGVFSEADMRFYAAEIILGLEHMHNR
FVVYRDLKPANILLDEHGHVRISDLGLACDFSKKKPHASVGTHGYMAPEVLQKGVAYDSSADWFSLGCMLFKLLRGHSPF
RQHKTKDKHEIDRMTLTMAVELPDSFSPELRSLLEGLLQRDVNRRLGCLGRGAQEVKESPFFRSLDWQMVFLQKYPPPLI
PPRGEVNAADAFDIGSFDEEDTKGIKLLDSDQELYRNFPLTISERWQQEVAETVFDTINAETDRLEA
;
_entity_poly.pdbx_strand_id   A
#
# COMPACT_ATOMS: atom_id res chain seq x y z
N LYS A 40 25.38 -7.07 -6.44
CA LYS A 40 25.80 -5.92 -5.57
C LYS A 40 25.90 -4.60 -6.33
N ILE A 41 25.67 -3.50 -5.63
CA ILE A 41 25.67 -2.17 -6.24
C ILE A 41 27.10 -1.71 -6.46
N LEU A 42 27.45 -1.42 -7.71
CA LEU A 42 28.72 -0.79 -8.05
C LEU A 42 28.43 0.62 -8.56
N LEU A 43 28.89 1.62 -7.83
CA LEU A 43 28.73 3.01 -8.22
C LEU A 43 29.58 3.27 -9.46
N PRO A 44 29.11 4.16 -10.36
CA PRO A 44 29.93 4.53 -11.49
C PRO A 44 31.08 5.42 -11.04
N GLU A 45 32.13 5.49 -11.85
CA GLU A 45 33.31 6.25 -11.49
C GLU A 45 32.97 7.75 -11.35
N PRO A 46 33.70 8.47 -10.48
CA PRO A 46 33.31 9.85 -10.18
C PRO A 46 33.46 10.86 -11.33
N SER A 47 34.02 10.45 -12.47
CA SER A 47 33.96 11.26 -13.71
C SER A 47 32.53 11.33 -14.32
N ILE A 48 31.60 10.57 -13.77
CA ILE A 48 30.17 10.71 -14.08
C ILE A 48 29.58 12.06 -13.61
N ARG A 49 30.22 12.71 -12.63
CA ARG A 49 29.73 13.96 -12.01
C ARG A 49 29.25 15.04 -12.98
N SER A 50 30.10 15.46 -13.92
CA SER A 50 29.76 16.59 -14.81
C SER A 50 28.54 16.27 -15.68
N VAL A 51 28.44 15.05 -16.19
CA VAL A 51 27.29 14.65 -17.02
C VAL A 51 26.00 14.58 -16.20
N MET A 52 26.07 13.98 -15.02
CA MET A 52 24.92 13.91 -14.11
C MET A 52 24.47 15.27 -13.57
N GLN A 53 25.41 16.19 -13.41
CA GLN A 53 25.08 17.53 -12.95
C GLN A 53 24.33 18.31 -14.03
N LYS A 54 24.76 18.19 -15.28
CA LYS A 54 24.06 18.77 -16.43
C LYS A 54 22.66 18.15 -16.60
N TYR A 55 22.56 16.84 -16.43
CA TYR A 55 21.27 16.14 -16.46
C TYR A 55 20.28 16.71 -15.44
N LEU A 56 20.76 16.89 -14.19
CA LEU A 56 19.91 17.39 -13.11
C LEU A 56 19.66 18.90 -13.18
N GLU A 57 20.63 19.68 -13.63
CA GLU A 57 20.45 21.14 -13.79
C GLU A 57 19.42 21.47 -14.87
N ASP A 58 19.52 20.79 -16.01
CA ASP A 58 18.53 20.91 -17.10
C ASP A 58 17.09 20.59 -16.68
N ARG A 59 16.94 19.76 -15.64
CA ARG A 59 15.63 19.44 -15.05
C ARG A 59 15.34 20.23 -13.75
N GLY A 60 16.06 21.34 -13.52
CA GLY A 60 15.92 22.14 -12.30
C GLY A 60 15.83 21.37 -10.98
N GLU A 61 16.64 20.32 -10.85
CA GLU A 61 16.66 19.47 -9.65
C GLU A 61 17.93 19.65 -8.79
N VAL A 62 18.74 20.66 -9.09
CA VAL A 62 19.92 20.99 -8.27
C VAL A 62 19.58 22.21 -7.42
N THR A 63 18.68 22.00 -6.45
CA THR A 63 18.27 23.04 -5.51
C THR A 63 18.22 22.46 -4.10
N PHE A 64 18.07 23.32 -3.11
CA PHE A 64 17.98 22.88 -1.71
C PHE A 64 16.72 22.05 -1.48
N GLU A 65 15.59 22.53 -2.00
CA GLU A 65 14.28 21.88 -1.80
C GLU A 65 14.22 20.47 -2.40
N LYS A 66 14.83 20.29 -3.58
CA LYS A 66 14.78 19.00 -4.30
C LYS A 66 15.76 17.98 -3.71
N ILE A 67 16.98 18.41 -3.41
CA ILE A 67 18.03 17.49 -2.92
C ILE A 67 17.87 17.18 -1.43
N PHE A 68 17.61 18.20 -0.62
CA PHE A 68 17.48 18.01 0.83
C PHE A 68 16.28 17.13 1.20
N SER A 69 15.19 17.23 0.43
CA SER A 69 14.00 16.42 0.67
C SER A 69 14.21 14.93 0.36
N GLN A 70 15.02 14.62 -0.66
CA GLN A 70 15.46 13.23 -0.92
C GLN A 70 16.31 12.69 0.22
N LYS A 71 16.15 11.41 0.53
CA LYS A 71 16.77 10.79 1.70
C LYS A 71 18.28 10.70 1.54
N LEU A 72 18.75 10.20 0.40
CA LEU A 72 20.19 10.12 0.13
C LEU A 72 20.82 11.52 0.00
N GLY A 73 20.05 12.46 -0.54
CA GLY A 73 20.46 13.86 -0.59
C GLY A 73 20.64 14.46 0.79
N TYR A 74 19.69 14.17 1.68
CA TYR A 74 19.77 14.62 3.08
C TYR A 74 20.99 14.06 3.82
N LEU A 75 21.25 12.75 3.67
CA LEU A 75 22.35 12.09 4.39
C LEU A 75 23.74 12.60 3.96
N LEU A 76 23.93 12.77 2.65
CA LEU A 76 25.21 13.27 2.12
C LEU A 76 25.43 14.75 2.45
N PHE A 77 24.36 15.54 2.45
CA PHE A 77 24.40 16.92 2.95
C PHE A 77 24.68 16.96 4.45
N ARG A 78 24.03 16.06 5.20
CA ARG A 78 24.26 15.90 6.65
C ARG A 78 25.72 15.47 6.93
N ASP A 79 26.20 14.52 6.14
CA ASP A 79 27.58 14.04 6.23
C ASP A 79 28.59 15.16 5.94
N PHE A 80 28.29 15.99 4.92
CA PHE A 80 29.18 17.10 4.54
C PHE A 80 29.27 18.20 5.60
N CYS A 81 28.12 18.62 6.12
CA CYS A 81 28.05 19.63 7.19
C CYS A 81 28.92 19.29 8.42
N LEU A 82 29.10 18.00 8.69
CA LEU A 82 30.04 17.52 9.71
C LEU A 82 31.40 17.19 9.06
N ASN A 83 32.07 18.21 8.53
CA ASN A 83 33.33 18.02 7.79
C ASN A 83 34.09 19.35 7.61
N ASN A 165 19.14 30.35 5.78
CA ASN A 165 20.60 30.58 5.56
C ASN A 165 21.27 29.45 4.77
N LEU A 166 20.81 28.22 5.00
CA LEU A 166 21.37 27.02 4.35
C LEU A 166 21.00 26.87 2.87
N ARG A 167 19.97 27.59 2.40
CA ARG A 167 19.51 27.50 1.00
C ARG A 167 20.52 28.05 -0.02
N GLY A 168 21.26 29.09 0.37
CA GLY A 168 22.25 29.71 -0.49
C GLY A 168 23.69 29.31 -0.15
N ASP A 169 24.24 29.98 0.87
CA ASP A 169 25.66 29.88 1.25
C ASP A 169 26.17 28.43 1.40
N VAL A 170 25.57 27.70 2.34
CA VAL A 170 26.00 26.33 2.66
C VAL A 170 25.76 25.36 1.48
N PHE A 171 24.62 25.52 0.80
CA PHE A 171 24.21 24.59 -0.26
C PHE A 171 25.18 24.55 -1.44
N GLN A 172 25.67 25.70 -1.89
CA GLN A 172 26.57 25.75 -3.05
C GLN A 172 27.98 25.22 -2.72
N LYS A 173 28.41 25.37 -1.47
CA LYS A 173 29.67 24.80 -1.01
C LYS A 173 29.59 23.27 -0.94
N PHE A 174 28.38 22.75 -0.71
CA PHE A 174 28.09 21.31 -0.83
C PHE A 174 28.14 20.83 -2.28
N ILE A 175 27.65 21.65 -3.22
CA ILE A 175 27.68 21.31 -4.65
C ILE A 175 29.11 21.21 -5.19
N GLU A 176 30.01 22.08 -4.73
CA GLU A 176 31.42 22.01 -5.13
C GLU A 176 32.14 20.79 -4.53
N SER A 177 31.72 20.38 -3.33
CA SER A 177 32.33 19.24 -2.62
C SER A 177 31.99 17.91 -3.28
N ASP A 178 32.84 16.91 -3.05
CA ASP A 178 32.62 15.56 -3.63
C ASP A 178 31.63 14.67 -2.85
N LYS A 179 30.94 15.26 -1.87
CA LYS A 179 29.74 14.64 -1.32
C LYS A 179 28.57 14.79 -2.29
N PHE A 180 28.56 15.88 -3.06
CA PHE A 180 27.65 16.01 -4.22
C PHE A 180 28.06 15.10 -5.38
N THR A 181 29.37 14.93 -5.58
CA THR A 181 29.87 13.95 -6.55
C THR A 181 29.33 12.57 -6.21
N ARG A 182 29.32 12.23 -4.92
CA ARG A 182 28.78 10.95 -4.46
C ARG A 182 27.27 10.87 -4.70
N PHE A 183 26.56 11.96 -4.43
CA PHE A 183 25.11 12.03 -4.70
C PHE A 183 24.80 11.78 -6.18
N CYS A 184 25.61 12.36 -7.06
CA CYS A 184 25.50 12.13 -8.50
C CYS A 184 25.75 10.67 -8.89
N GLN A 185 26.65 10.00 -8.17
CA GLN A 185 26.95 8.59 -8.42
C GLN A 185 25.77 7.69 -8.06
N TRP A 186 25.19 7.91 -6.88
CA TRP A 186 23.99 7.18 -6.44
C TRP A 186 22.80 7.48 -7.32
N LYS A 187 22.63 8.75 -7.70
CA LYS A 187 21.56 9.14 -8.61
C LYS A 187 21.65 8.44 -9.95
N ASN A 188 22.87 8.34 -10.48
CA ASN A 188 23.09 7.62 -11.74
C ASN A 188 22.63 6.17 -11.64
N VAL A 189 22.89 5.54 -10.50
CA VAL A 189 22.41 4.17 -10.26
C VAL A 189 20.88 4.16 -10.28
N GLU A 190 20.26 5.07 -9.55
CA GLU A 190 18.80 5.17 -9.51
C GLU A 190 18.18 5.22 -10.89
N LEU A 191 18.68 6.11 -11.74
CA LEU A 191 18.09 6.36 -13.04
C LEU A 191 18.29 5.22 -14.05
N ASN A 192 19.22 4.32 -13.77
CA ASN A 192 19.48 3.17 -14.65
C ASN A 192 18.92 1.85 -14.15
N ILE A 193 18.05 1.90 -13.14
CA ILE A 193 17.38 0.71 -12.64
C ILE A 193 16.53 0.07 -13.75
N HIS A 194 16.84 -1.18 -14.07
CA HIS A 194 16.05 -1.98 -14.99
CA HIS A 194 16.05 -1.99 -15.00
C HIS A 194 15.99 -3.40 -14.42
N LEU A 195 14.95 -3.65 -13.61
CA LEU A 195 14.84 -4.92 -12.89
C LEU A 195 14.35 -6.04 -13.77
N THR A 196 14.83 -7.24 -13.46
CA THR A 196 14.35 -8.49 -14.04
C THR A 196 14.21 -9.50 -12.89
N MET A 197 13.75 -10.71 -13.21
CA MET A 197 13.69 -11.79 -12.21
C MET A 197 15.07 -12.15 -11.65
N ASN A 198 16.10 -12.01 -12.48
CA ASN A 198 17.47 -12.30 -12.09
C ASN A 198 17.95 -11.47 -10.89
N ASP A 199 17.35 -10.29 -10.69
CA ASP A 199 17.72 -9.38 -9.60
C ASP A 199 17.06 -9.71 -8.24
N PHE A 200 16.27 -10.78 -8.19
CA PHE A 200 15.61 -11.21 -6.97
C PHE A 200 15.82 -12.70 -6.78
N SER A 201 15.97 -13.10 -5.51
CA SER A 201 15.96 -14.51 -5.15
C SER A 201 14.56 -14.82 -4.60
N VAL A 202 13.77 -15.57 -5.36
CA VAL A 202 12.37 -15.82 -5.04
C VAL A 202 12.26 -17.12 -4.29
N HIS A 203 11.55 -17.11 -3.17
CA HIS A 203 11.57 -18.25 -2.27
C HIS A 203 10.29 -19.06 -2.28
N ARG A 204 9.29 -18.70 -1.47
CA ARG A 204 8.08 -19.49 -1.43
C ARG A 204 6.82 -18.67 -1.38
N ILE A 205 5.74 -19.30 -1.82
CA ILE A 205 4.48 -18.66 -2.11
C ILE A 205 3.79 -18.25 -0.81
N ILE A 206 3.31 -17.01 -0.73
CA ILE A 206 2.63 -16.48 0.47
C ILE A 206 1.29 -15.81 0.12
N GLY A 207 0.69 -16.22 -0.99
CA GLY A 207 -0.59 -15.64 -1.45
C GLY A 207 -0.95 -16.07 -2.86
N ARG A 208 -2.25 -16.13 -3.15
CA ARG A 208 -2.75 -16.53 -4.48
C ARG A 208 -3.91 -15.65 -4.94
N GLY A 209 -4.15 -15.64 -6.25
CA GLY A 209 -5.29 -14.94 -6.83
C GLY A 209 -5.60 -15.38 -8.26
N GLY A 210 -6.57 -14.73 -8.87
CA GLY A 210 -7.06 -15.11 -10.20
C GLY A 210 -6.05 -15.04 -11.33
N PHE A 211 -5.19 -14.02 -11.33
CA PHE A 211 -4.20 -13.85 -12.41
C PHE A 211 -2.80 -14.34 -12.05
N GLY A 212 -2.55 -14.69 -10.79
CA GLY A 212 -1.21 -15.08 -10.38
C GLY A 212 -1.06 -15.34 -8.90
N GLU A 213 0.15 -15.10 -8.39
CA GLU A 213 0.48 -15.41 -6.98
C GLU A 213 1.54 -14.46 -6.40
N VAL A 214 1.71 -14.50 -5.08
CA VAL A 214 2.67 -13.65 -4.38
C VAL A 214 3.75 -14.52 -3.72
N TYR A 215 5.01 -14.12 -3.88
CA TYR A 215 6.14 -14.83 -3.31
C TYR A 215 6.92 -13.93 -2.36
N GLY A 216 7.50 -14.54 -1.33
CA GLY A 216 8.52 -13.89 -0.53
C GLY A 216 9.81 -13.91 -1.33
N CYS A 217 10.52 -12.78 -1.36
CA CYS A 217 11.78 -12.68 -2.07
C CYS A 217 12.78 -11.76 -1.37
N ARG A 218 14.04 -11.89 -1.78
CA ARG A 218 15.12 -11.02 -1.34
C ARG A 218 15.68 -10.33 -2.58
N LYS A 219 15.75 -9.00 -2.56
CA LYS A 219 16.44 -8.26 -3.62
C LYS A 219 17.95 -8.46 -3.48
N ALA A 220 18.58 -8.99 -4.54
CA ALA A 220 19.96 -9.48 -4.47
C ALA A 220 20.98 -8.43 -4.06
N ASP A 221 20.91 -7.25 -4.65
CA ASP A 221 21.96 -6.23 -4.47
C ASP A 221 21.99 -5.57 -3.07
N THR A 222 20.81 -5.32 -2.49
CA THR A 222 20.71 -4.73 -1.13
C THR A 222 20.40 -5.76 -0.03
N GLY A 223 19.87 -6.91 -0.42
CA GLY A 223 19.47 -7.95 0.54
C GLY A 223 18.18 -7.65 1.29
N LYS A 224 17.38 -6.68 0.80
CA LYS A 224 16.14 -6.32 1.48
C LYS A 224 15.04 -7.30 1.08
N MET A 225 14.21 -7.66 2.06
CA MET A 225 13.11 -8.59 1.86
C MET A 225 11.84 -7.87 1.40
N TYR A 226 11.18 -8.45 0.40
CA TYR A 226 9.95 -7.90 -0.18
C TYR A 226 8.95 -9.02 -0.47
N ALA A 227 7.72 -8.63 -0.81
CA ALA A 227 6.74 -9.53 -1.42
C ALA A 227 6.71 -9.24 -2.92
N MET A 228 6.83 -10.30 -3.73
CA MET A 228 6.72 -10.17 -5.19
C MET A 228 5.39 -10.71 -5.69
N LYS A 229 4.51 -9.80 -6.11
CA LYS A 229 3.22 -10.16 -6.69
C LYS A 229 3.42 -10.38 -8.19
N CYS A 230 3.43 -11.65 -8.59
CA CYS A 230 3.70 -12.06 -9.97
CA CYS A 230 3.69 -12.05 -9.98
C CYS A 230 2.40 -12.46 -10.67
N LEU A 231 1.92 -11.59 -11.58
CA LEU A 231 0.72 -11.88 -12.38
C LEU A 231 1.13 -12.39 -13.75
N ASP A 232 0.39 -13.39 -14.24
CA ASP A 232 0.71 -14.09 -15.47
C ASP A 232 -0.06 -13.46 -16.61
N LYS A 233 0.65 -12.99 -17.63
CA LYS A 233 0.03 -12.24 -18.74
C LYS A 233 -0.95 -13.08 -19.57
N LYS A 234 -0.64 -14.36 -19.75
CA LYS A 234 -1.54 -15.28 -20.45
C LYS A 234 -2.87 -15.46 -19.69
N ARG A 235 -2.80 -15.61 -18.36
CA ARG A 235 -4.03 -15.68 -17.53
C ARG A 235 -4.80 -14.35 -17.52
N ILE A 236 -4.07 -13.23 -17.59
CA ILE A 236 -4.68 -11.89 -17.70
C ILE A 236 -5.41 -11.75 -19.03
N LYS A 237 -4.71 -12.03 -20.12
CA LYS A 237 -5.31 -11.97 -21.47
C LYS A 237 -6.58 -12.80 -21.55
N MET A 238 -6.49 -14.02 -21.05
CA MET A 238 -7.58 -15.00 -21.14
C MET A 238 -8.83 -14.55 -20.39
N LYS A 239 -8.64 -13.79 -19.31
CA LYS A 239 -9.76 -13.28 -18.51
C LYS A 239 -10.09 -11.81 -18.77
N GLN A 240 -9.52 -11.25 -19.86
CA GLN A 240 -9.70 -9.84 -20.22
C GLN A 240 -9.50 -8.89 -19.03
N GLY A 241 -8.45 -9.12 -18.26
CA GLY A 241 -8.18 -8.36 -17.04
C GLY A 241 -7.06 -7.35 -17.15
N GLU A 242 -6.75 -6.92 -18.38
CA GLU A 242 -5.63 -6.00 -18.61
C GLU A 242 -5.78 -4.69 -17.82
N THR A 243 -6.97 -4.08 -17.89
CA THR A 243 -7.22 -2.80 -17.23
C THR A 243 -7.18 -2.90 -15.71
N LEU A 244 -7.53 -4.07 -15.18
CA LEU A 244 -7.44 -4.31 -13.73
C LEU A 244 -6.00 -4.35 -13.25
N ALA A 245 -5.14 -5.04 -13.99
CA ALA A 245 -3.72 -5.16 -13.64
C ALA A 245 -3.02 -3.81 -13.72
N LEU A 246 -3.29 -3.05 -14.78
CA LEU A 246 -2.80 -1.68 -14.91
C LEU A 246 -3.33 -0.78 -13.80
N ASN A 247 -4.60 -0.94 -13.44
CA ASN A 247 -5.19 -0.14 -12.39
C ASN A 247 -4.50 -0.33 -11.04
N GLU A 248 -4.17 -1.57 -10.67
CA GLU A 248 -3.47 -1.79 -9.39
C GLU A 248 -2.13 -1.06 -9.39
N ARG A 249 -1.43 -1.12 -10.51
CA ARG A 249 -0.16 -0.42 -10.71
C ARG A 249 -0.31 1.11 -10.53
N ILE A 250 -1.36 1.69 -11.15
CA ILE A 250 -1.67 3.11 -11.00
C ILE A 250 -2.06 3.44 -9.54
N MET A 251 -2.94 2.63 -8.93
CA MET A 251 -3.39 2.88 -7.56
C MET A 251 -2.25 2.76 -6.57
N LEU A 252 -1.43 1.73 -6.73
CA LEU A 252 -0.28 1.54 -5.85
C LEU A 252 0.65 2.75 -5.88
N SER A 253 0.93 3.27 -7.08
CA SER A 253 1.82 4.42 -7.23
C SER A 253 1.28 5.69 -6.55
N LEU A 254 -0.04 5.88 -6.56
CA LEU A 254 -0.67 7.01 -5.86
C LEU A 254 -0.53 6.94 -4.34
N VAL A 255 -0.64 5.74 -3.77
CA VAL A 255 -0.65 5.58 -2.31
C VAL A 255 0.72 5.24 -1.71
N SER A 256 1.71 4.95 -2.55
CA SER A 256 3.00 4.38 -2.08
C SER A 256 4.08 5.39 -1.71
N THR A 257 3.78 6.68 -1.77
CA THR A 257 4.65 7.72 -1.18
C THR A 257 4.22 7.96 0.27
N GLY A 258 5.09 8.61 1.04
CA GLY A 258 4.80 8.96 2.44
C GLY A 258 5.12 7.88 3.47
N ASP A 259 5.71 6.77 3.02
CA ASP A 259 5.98 5.58 3.84
C ASP A 259 4.96 5.34 4.99
N CYS A 260 3.69 5.21 4.61
CA CYS A 260 2.59 4.89 5.52
C CYS A 260 2.69 3.42 5.92
N PRO A 261 2.77 3.12 7.24
CA PRO A 261 2.97 1.74 7.68
C PRO A 261 1.67 0.88 7.77
N PHE A 262 0.53 1.42 7.33
CA PHE A 262 -0.76 0.72 7.40
C PHE A 262 -1.37 0.45 6.03
N ILE A 263 -0.56 0.53 4.96
CA ILE A 263 -0.94 0.03 3.63
C ILE A 263 0.24 -0.77 3.09
N VAL A 264 -0.05 -1.89 2.41
CA VAL A 264 0.99 -2.66 1.74
C VAL A 264 1.34 -1.91 0.47
N CYS A 265 2.47 -1.20 0.50
CA CYS A 265 2.87 -0.28 -0.56
C CYS A 265 3.88 -0.88 -1.52
N MET A 266 3.94 -0.28 -2.72
CA MET A 266 4.84 -0.69 -3.79
C MET A 266 6.14 0.11 -3.76
N SER A 267 7.25 -0.58 -4.02
CA SER A 267 8.54 0.06 -4.21
C SER A 267 8.94 0.08 -5.70
N TYR A 268 8.70 -1.04 -6.39
CA TYR A 268 9.01 -1.17 -7.80
C TYR A 268 7.88 -1.86 -8.53
N ALA A 269 7.77 -1.57 -9.82
CA ALA A 269 7.05 -2.42 -10.75
C ALA A 269 7.98 -2.72 -11.92
N PHE A 270 7.84 -3.92 -12.49
CA PHE A 270 8.51 -4.29 -13.73
C PHE A 270 7.79 -5.47 -14.35
N HIS A 271 8.10 -5.77 -15.61
CA HIS A 271 7.51 -6.91 -16.32
C HIS A 271 8.55 -7.64 -17.15
N THR A 272 8.22 -8.87 -17.49
CA THR A 272 9.08 -9.76 -18.27
C THR A 272 8.29 -10.18 -19.50
N PRO A 273 8.88 -11.03 -20.36
CA PRO A 273 8.08 -11.54 -21.48
C PRO A 273 6.71 -12.12 -21.10
N ASP A 274 6.61 -12.82 -19.97
CA ASP A 274 5.39 -13.54 -19.59
C ASP A 274 4.74 -13.12 -18.25
N LYS A 275 5.34 -12.19 -17.51
CA LYS A 275 4.87 -11.83 -16.15
C LYS A 275 4.83 -10.34 -15.91
N LEU A 276 3.87 -9.90 -15.08
CA LEU A 276 3.94 -8.58 -14.41
C LEU A 276 4.38 -8.81 -12.98
N SER A 277 5.26 -7.93 -12.47
CA SER A 277 5.75 -8.02 -11.09
CA SER A 277 5.77 -8.03 -11.09
C SER A 277 5.58 -6.72 -10.33
N PHE A 278 4.88 -6.79 -9.18
CA PHE A 278 4.84 -5.69 -8.20
C PHE A 278 5.75 -6.10 -7.04
N ILE A 279 6.60 -5.19 -6.59
CA ILE A 279 7.46 -5.44 -5.45
C ILE A 279 6.88 -4.67 -4.28
N LEU A 280 6.29 -5.40 -3.33
CA LEU A 280 5.46 -4.83 -2.28
C LEU A 280 6.08 -5.08 -0.93
N ASP A 281 5.60 -4.33 0.07
CA ASP A 281 5.95 -4.58 1.48
C ASP A 281 5.64 -6.05 1.84
N LEU A 282 6.61 -6.72 2.47
CA LEU A 282 6.46 -8.13 2.85
C LEU A 282 5.62 -8.26 4.12
N MET A 283 4.62 -9.12 4.09
CA MET A 283 3.78 -9.37 5.25
C MET A 283 3.70 -10.87 5.43
N ASN A 284 4.37 -11.37 6.46
CA ASN A 284 4.50 -12.81 6.70
C ASN A 284 3.45 -13.36 7.65
N GLY A 285 2.65 -12.49 8.26
CA GLY A 285 1.73 -12.90 9.33
C GLY A 285 0.37 -13.45 8.92
N GLY A 286 0.03 -13.41 7.64
CA GLY A 286 -1.29 -13.87 7.14
C GLY A 286 -2.38 -12.84 7.32
N ASP A 287 -3.57 -13.13 6.81
CA ASP A 287 -4.70 -12.18 6.82
C ASP A 287 -5.74 -12.45 7.93
N LEU A 288 -6.60 -11.45 8.18
CA LEU A 288 -7.59 -11.51 9.27
C LEU A 288 -8.78 -12.43 8.96
N HIS A 289 -8.98 -12.78 7.68
CA HIS A 289 -9.94 -13.82 7.35
C HIS A 289 -9.45 -15.17 7.88
N TYR A 290 -8.20 -15.50 7.56
CA TYR A 290 -7.57 -16.72 8.07
C TYR A 290 -7.54 -16.72 9.59
N HIS A 291 -7.07 -15.62 10.18
CA HIS A 291 -6.93 -15.56 11.64
C HIS A 291 -8.25 -15.62 12.38
N LEU A 292 -9.32 -15.07 11.80
CA LEU A 292 -10.66 -15.27 12.36
C LEU A 292 -11.03 -16.75 12.48
N SER A 293 -10.66 -17.54 11.47
CA SER A 293 -10.97 -18.98 11.47
C SER A 293 -10.22 -19.78 12.57
N GLN A 294 -9.06 -19.28 12.99
CA GLN A 294 -8.28 -19.86 14.09
C GLN A 294 -8.61 -19.21 15.44
N HIS A 295 -8.43 -17.90 15.52
CA HIS A 295 -8.63 -17.12 16.74
C HIS A 295 -10.08 -17.12 17.26
N GLY A 296 -11.05 -17.17 16.35
CA GLY A 296 -12.43 -16.84 16.67
C GLY A 296 -12.60 -15.33 16.70
N VAL A 297 -13.80 -14.87 17.07
CA VAL A 297 -14.09 -13.43 17.10
C VAL A 297 -13.28 -12.69 18.15
N PHE A 298 -13.15 -11.38 17.95
CA PHE A 298 -12.34 -10.52 18.83
C PHE A 298 -13.22 -9.77 19.82
N SER A 299 -12.62 -9.38 20.95
CA SER A 299 -13.26 -8.48 21.90
C SER A 299 -13.25 -7.05 21.36
N GLU A 300 -13.94 -6.15 22.05
CA GLU A 300 -13.96 -4.74 21.65
C GLU A 300 -12.58 -4.10 21.73
N ALA A 301 -11.87 -4.36 22.83
CA ALA A 301 -10.51 -3.85 23.03
C ALA A 301 -9.55 -4.29 21.92
N ASP A 302 -9.62 -5.57 21.55
CA ASP A 302 -8.76 -6.10 20.49
C ASP A 302 -9.17 -5.57 19.11
N MET A 303 -10.48 -5.46 18.88
CA MET A 303 -10.98 -4.87 17.62
C MET A 303 -10.52 -3.43 17.46
N ARG A 304 -10.55 -2.66 18.55
CA ARG A 304 -10.14 -1.26 18.55
C ARG A 304 -8.72 -1.07 18.01
N PHE A 305 -7.81 -1.99 18.35
CA PHE A 305 -6.43 -1.97 17.83
C PHE A 305 -6.40 -2.02 16.31
N TYR A 306 -7.14 -2.96 15.73
CA TYR A 306 -7.23 -3.12 14.28
C TYR A 306 -7.91 -1.92 13.61
N ALA A 307 -8.97 -1.41 14.24
CA ALA A 307 -9.71 -0.25 13.72
C ALA A 307 -8.82 0.99 13.62
N ALA A 308 -8.08 1.26 14.68
CA ALA A 308 -7.19 2.42 14.75
C ALA A 308 -6.14 2.42 13.61
N GLU A 309 -5.48 1.29 13.41
CA GLU A 309 -4.49 1.16 12.31
C GLU A 309 -5.16 1.20 10.94
N ILE A 310 -6.30 0.54 10.80
CA ILE A 310 -7.02 0.51 9.52
C ILE A 310 -7.54 1.90 9.14
N ILE A 311 -8.02 2.65 10.15
CA ILE A 311 -8.48 4.02 9.94
C ILE A 311 -7.36 4.89 9.35
N LEU A 312 -6.16 4.81 9.93
CA LEU A 312 -5.01 5.57 9.42
C LEU A 312 -4.61 5.16 7.99
N GLY A 313 -4.75 3.87 7.68
CA GLY A 313 -4.57 3.39 6.31
C GLY A 313 -5.53 4.05 5.34
N LEU A 314 -6.81 4.05 5.69
CA LEU A 314 -7.85 4.67 4.85
C LEU A 314 -7.69 6.20 4.71
N GLU A 315 -7.26 6.87 5.78
CA GLU A 315 -6.98 8.31 5.74
C GLU A 315 -5.92 8.65 4.68
N HIS A 316 -4.84 7.90 4.67
CA HIS A 316 -3.76 8.06 3.69
C HIS A 316 -4.26 7.88 2.26
N MET A 317 -5.14 6.91 2.05
CA MET A 317 -5.74 6.68 0.74
C MET A 317 -6.67 7.80 0.31
N HIS A 318 -7.55 8.22 1.23
CA HIS A 318 -8.56 9.23 0.93
C HIS A 318 -7.93 10.60 0.61
N ASN A 319 -6.77 10.88 1.23
CA ASN A 319 -5.98 12.07 0.91
C ASN A 319 -5.54 12.13 -0.54
N ARG A 320 -5.16 10.98 -1.11
CA ARG A 320 -4.79 10.89 -2.53
C ARG A 320 -5.99 10.53 -3.43
N PHE A 321 -7.21 10.83 -2.96
CA PHE A 321 -8.45 10.68 -3.74
C PHE A 321 -8.73 9.26 -4.23
N VAL A 322 -8.24 8.28 -3.44
CA VAL A 322 -8.41 6.86 -3.70
C VAL A 322 -9.50 6.35 -2.77
N VAL A 323 -10.57 5.81 -3.35
CA VAL A 323 -11.54 5.03 -2.60
C VAL A 323 -11.17 3.55 -2.77
N TYR A 324 -11.05 2.84 -1.65
CA TYR A 324 -10.47 1.49 -1.62
C TYR A 324 -11.46 0.40 -2.06
N ARG A 325 -12.69 0.47 -1.54
CA ARG A 325 -13.86 -0.32 -2.02
C ARG A 325 -13.98 -1.78 -1.59
N ASP A 326 -12.86 -2.43 -1.29
CA ASP A 326 -12.83 -3.87 -0.99
C ASP A 326 -12.35 -4.16 0.44
N LEU A 327 -12.73 -3.31 1.38
CA LEU A 327 -12.31 -3.48 2.76
C LEU A 327 -13.07 -4.64 3.36
N LYS A 328 -12.30 -5.64 3.78
CA LYS A 328 -12.82 -6.84 4.42
C LYS A 328 -11.65 -7.52 5.12
N PRO A 329 -11.92 -8.51 6.01
CA PRO A 329 -10.81 -9.11 6.79
C PRO A 329 -9.70 -9.76 5.95
N ALA A 330 -10.05 -10.37 4.83
CA ALA A 330 -9.05 -11.01 3.93
C ALA A 330 -7.99 -10.04 3.37
N ASN A 331 -8.33 -8.76 3.28
CA ASN A 331 -7.39 -7.74 2.78
C ASN A 331 -6.70 -6.97 3.90
N ILE A 332 -6.78 -7.46 5.14
CA ILE A 332 -6.01 -6.90 6.24
C ILE A 332 -4.96 -7.94 6.59
N LEU A 333 -3.71 -7.66 6.23
CA LEU A 333 -2.59 -8.58 6.48
C LEU A 333 -1.86 -8.21 7.75
N LEU A 334 -1.20 -9.18 8.36
CA LEU A 334 -0.45 -8.99 9.60
C LEU A 334 1.04 -9.17 9.36
N ASP A 335 1.86 -8.38 10.04
CA ASP A 335 3.30 -8.66 10.10
C ASP A 335 3.58 -9.65 11.23
N GLU A 336 4.83 -10.09 11.36
CA GLU A 336 5.21 -11.09 12.38
C GLU A 336 4.99 -10.63 13.84
N HIS A 337 4.85 -9.32 14.06
CA HIS A 337 4.49 -8.74 15.37
C HIS A 337 2.98 -8.54 15.58
N GLY A 338 2.22 -8.51 14.49
CA GLY A 338 0.76 -8.39 14.57
C GLY A 338 0.18 -7.03 14.20
N HIS A 339 1.02 -6.09 13.79
CA HIS A 339 0.54 -4.83 13.19
C HIS A 339 0.04 -5.12 11.79
N VAL A 340 -0.95 -4.34 11.34
CA VAL A 340 -1.70 -4.68 10.12
C VAL A 340 -1.56 -3.64 9.02
N ARG A 341 -1.84 -4.07 7.78
CA ARG A 341 -1.88 -3.18 6.61
C ARG A 341 -3.04 -3.52 5.70
N ILE A 342 -3.59 -2.52 5.02
CA ILE A 342 -4.56 -2.75 3.97
C ILE A 342 -3.80 -3.24 2.72
N SER A 343 -4.22 -4.37 2.17
CA SER A 343 -3.54 -5.01 1.04
C SER A 343 -4.47 -5.11 -0.16
N ASP A 344 -3.88 -5.04 -1.36
CA ASP A 344 -4.55 -5.32 -2.64
C ASP A 344 -5.46 -4.17 -3.08
N LEU A 345 -4.93 -3.32 -3.97
CA LEU A 345 -5.67 -2.16 -4.47
C LEU A 345 -6.29 -2.40 -5.86
N GLY A 346 -6.44 -3.66 -6.24
CA GLY A 346 -6.98 -4.02 -7.55
C GLY A 346 -8.35 -3.46 -7.88
N LEU A 347 -9.20 -3.32 -6.86
CA LEU A 347 -10.54 -2.76 -7.02
C LEU A 347 -10.68 -1.29 -6.59
N ALA A 348 -9.59 -0.65 -6.19
CA ALA A 348 -9.62 0.78 -5.86
C ALA A 348 -9.68 1.64 -7.14
N CYS A 349 -10.15 2.87 -7.00
CA CYS A 349 -10.12 3.83 -8.12
C CYS A 349 -9.92 5.25 -7.64
N ASP A 350 -9.56 6.12 -8.58
CA ASP A 350 -9.29 7.53 -8.31
C ASP A 350 -10.58 8.33 -8.51
N PHE A 351 -11.30 8.60 -7.42
CA PHE A 351 -12.64 9.21 -7.48
C PHE A 351 -12.68 10.70 -7.86
N SER A 352 -11.55 11.39 -7.81
CA SER A 352 -11.45 12.80 -8.21
C SER A 352 -11.78 13.04 -9.69
N LYS A 353 -11.37 12.10 -10.55
CA LYS A 353 -11.43 12.31 -12.01
C LYS A 353 -12.86 12.14 -12.52
N LYS A 354 -13.45 10.99 -12.24
CA LYS A 354 -14.90 10.81 -12.26
C LYS A 354 -15.28 9.92 -11.08
N LYS A 355 -16.34 10.29 -10.38
CA LYS A 355 -16.84 9.47 -9.27
C LYS A 355 -17.34 8.15 -9.85
N PRO A 356 -16.89 7.01 -9.28
CA PRO A 356 -17.38 5.71 -9.74
C PRO A 356 -18.86 5.51 -9.42
N HIS A 357 -19.55 4.74 -10.25
CA HIS A 357 -20.96 4.39 -10.04
C HIS A 357 -21.22 2.88 -10.09
N ALA A 358 -20.16 2.08 -10.25
CA ALA A 358 -20.28 0.62 -10.40
C ALA A 358 -20.37 -0.04 -9.03
N SER A 359 -21.14 -1.12 -8.93
CA SER A 359 -21.18 -1.94 -7.70
C SER A 359 -19.90 -2.77 -7.58
N VAL A 360 -18.87 -2.15 -7.00
CA VAL A 360 -17.59 -2.83 -6.78
C VAL A 360 -17.39 -3.12 -5.30
N GLY A 361 -16.88 -4.31 -4.99
CA GLY A 361 -16.62 -4.72 -3.61
C GLY A 361 -17.15 -6.10 -3.32
N THR A 362 -17.39 -6.37 -2.04
CA THR A 362 -17.79 -7.69 -1.56
C THR A 362 -19.16 -7.55 -0.92
N HIS A 363 -20.08 -8.44 -1.28
CA HIS A 363 -21.45 -8.35 -0.76
C HIS A 363 -21.44 -8.53 0.76
N GLY A 364 -22.13 -7.63 1.46
CA GLY A 364 -22.04 -7.51 2.90
C GLY A 364 -21.04 -6.46 3.38
N TYR A 365 -20.16 -6.00 2.50
CA TYR A 365 -19.19 -4.94 2.83
C TYR A 365 -19.26 -3.77 1.85
N MET A 366 -20.42 -3.59 1.21
CA MET A 366 -20.63 -2.51 0.25
C MET A 366 -21.62 -1.53 0.82
N ALA A 367 -21.36 -0.24 0.60
CA ALA A 367 -22.24 0.82 1.06
C ALA A 367 -23.50 0.90 0.17
N PRO A 368 -24.58 1.52 0.68
CA PRO A 368 -25.78 1.72 -0.14
C PRO A 368 -25.57 2.50 -1.45
N GLU A 369 -24.64 3.45 -1.44
CA GLU A 369 -24.31 4.23 -2.66
C GLU A 369 -23.76 3.31 -3.74
N VAL A 370 -22.92 2.37 -3.30
CA VAL A 370 -22.22 1.47 -4.20
C VAL A 370 -23.23 0.51 -4.84
N LEU A 371 -24.16 -0.01 -4.03
CA LEU A 371 -25.15 -0.97 -4.50
C LEU A 371 -26.19 -0.35 -5.43
N GLN A 372 -26.71 0.82 -5.05
CA GLN A 372 -27.69 1.57 -5.88
C GLN A 372 -27.13 1.84 -7.27
N LYS A 373 -27.71 1.18 -8.28
CA LYS A 373 -27.21 1.27 -9.65
C LYS A 373 -27.54 2.62 -10.25
N GLY A 374 -26.49 3.34 -10.67
CA GLY A 374 -26.62 4.72 -11.15
C GLY A 374 -25.98 5.74 -10.22
N VAL A 375 -26.04 5.51 -8.92
CA VAL A 375 -25.58 6.51 -7.92
C VAL A 375 -24.05 6.60 -7.88
N ALA A 376 -23.55 7.82 -7.98
CA ALA A 376 -22.12 8.10 -7.86
C ALA A 376 -21.72 8.13 -6.39
N TYR A 377 -20.47 7.76 -6.10
CA TYR A 377 -19.91 7.77 -4.74
C TYR A 377 -18.43 8.10 -4.72
N ASP A 378 -17.93 8.41 -3.53
CA ASP A 378 -16.51 8.72 -3.28
C ASP A 378 -15.99 7.85 -2.11
N SER A 379 -14.91 8.30 -1.45
CA SER A 379 -14.41 7.74 -0.18
C SER A 379 -15.46 7.33 0.88
N SER A 380 -16.66 7.91 0.83
CA SER A 380 -17.75 7.53 1.74
C SER A 380 -17.99 6.02 1.83
N ALA A 381 -17.81 5.32 0.71
CA ALA A 381 -18.04 3.87 0.64
C ALA A 381 -17.17 3.07 1.62
N ASP A 382 -15.94 3.53 1.83
CA ASP A 382 -14.99 2.84 2.73
C ASP A 382 -15.41 2.87 4.19
N TRP A 383 -15.93 4.00 4.66
CA TRP A 383 -16.33 4.14 6.07
C TRP A 383 -17.51 3.22 6.41
N PHE A 384 -18.43 3.05 5.46
CA PHE A 384 -19.48 2.03 5.59
C PHE A 384 -18.87 0.63 5.68
N SER A 385 -17.95 0.32 4.75
CA SER A 385 -17.23 -0.96 4.75
C SER A 385 -16.47 -1.21 6.04
N LEU A 386 -15.86 -0.17 6.59
CA LEU A 386 -15.19 -0.27 7.90
C LEU A 386 -16.19 -0.71 8.97
N GLY A 387 -17.37 -0.12 8.98
CA GLY A 387 -18.44 -0.55 9.88
C GLY A 387 -18.78 -2.02 9.71
N CYS A 388 -18.94 -2.46 8.47
CA CYS A 388 -19.25 -3.86 8.18
C CYS A 388 -18.16 -4.80 8.68
N MET A 389 -16.90 -4.37 8.53
CA MET A 389 -15.75 -5.21 8.84
C MET A 389 -15.49 -5.33 10.34
N LEU A 390 -15.59 -4.21 11.06
CA LEU A 390 -15.38 -4.18 12.51
C LEU A 390 -16.45 -5.01 13.25
N PHE A 391 -17.67 -4.94 12.74
CA PHE A 391 -18.77 -5.79 13.22
C PHE A 391 -18.42 -7.26 13.00
N LYS A 392 -17.92 -7.58 11.81
CA LYS A 392 -17.49 -8.94 11.44
C LYS A 392 -16.42 -9.48 12.39
N LEU A 393 -15.46 -8.62 12.76
CA LEU A 393 -14.43 -9.00 13.72
C LEU A 393 -15.03 -9.38 15.10
N LEU A 394 -16.08 -8.67 15.51
CA LEU A 394 -16.78 -8.92 16.78
C LEU A 394 -17.77 -10.10 16.75
N ARG A 395 -18.44 -10.29 15.61
CA ARG A 395 -19.61 -11.18 15.52
C ARG A 395 -19.49 -12.35 14.52
N GLY A 396 -18.43 -12.38 13.71
CA GLY A 396 -18.20 -13.49 12.77
C GLY A 396 -18.95 -13.46 11.44
N HIS A 397 -19.81 -12.47 11.23
CA HIS A 397 -20.46 -12.26 9.92
C HIS A 397 -20.77 -10.78 9.69
N SER A 398 -21.01 -10.42 8.43
CA SER A 398 -21.42 -9.06 8.06
C SER A 398 -22.74 -8.69 8.75
N PRO A 399 -22.90 -7.43 9.17
CA PRO A 399 -24.13 -7.05 9.85
C PRO A 399 -25.41 -7.20 9.03
N PHE A 400 -25.27 -7.37 7.71
CA PHE A 400 -26.42 -7.57 6.83
C PHE A 400 -26.49 -9.00 6.26
N ARG A 401 -26.04 -9.98 7.05
CA ARG A 401 -26.10 -11.40 6.68
C ARG A 401 -27.31 -12.12 7.28
N GLN A 402 -27.60 -11.84 8.56
CA GLN A 402 -28.81 -12.30 9.27
C GLN A 402 -28.79 -13.77 9.75
N HIS A 403 -28.80 -14.73 8.82
CA HIS A 403 -28.78 -16.17 9.19
C HIS A 403 -27.80 -16.98 8.34
N LYS A 404 -26.63 -16.39 8.09
CA LYS A 404 -25.64 -16.97 7.17
C LYS A 404 -26.25 -17.46 5.85
N THR A 405 -27.22 -16.71 5.32
CA THR A 405 -27.80 -17.02 4.03
C THR A 405 -26.80 -16.64 2.96
N LYS A 406 -26.63 -17.52 1.97
CA LYS A 406 -25.77 -17.25 0.82
C LYS A 406 -26.55 -16.58 -0.33
N ASP A 407 -27.73 -16.05 -0.01
CA ASP A 407 -28.53 -15.26 -0.94
C ASP A 407 -27.99 -13.84 -0.92
N LYS A 408 -27.27 -13.47 -1.98
CA LYS A 408 -26.62 -12.17 -2.08
C LYS A 408 -27.61 -11.00 -2.25
N HIS A 409 -28.78 -11.29 -2.79
CA HIS A 409 -29.84 -10.28 -2.95
C HIS A 409 -30.48 -9.95 -1.61
N GLU A 410 -30.64 -10.96 -0.75
CA GLU A 410 -31.14 -10.78 0.63
C GLU A 410 -30.17 -9.90 1.45
N ILE A 411 -28.87 -10.14 1.27
CA ILE A 411 -27.83 -9.35 1.95
C ILE A 411 -27.85 -7.88 1.51
N ASP A 412 -28.00 -7.64 0.21
CA ASP A 412 -28.03 -6.28 -0.34
C ASP A 412 -29.27 -5.50 0.06
N ARG A 413 -30.44 -6.14 0.03
CA ARG A 413 -31.68 -5.46 0.43
C ARG A 413 -31.69 -5.10 1.91
N MET A 414 -31.15 -5.98 2.76
CA MET A 414 -30.99 -5.68 4.19
C MET A 414 -30.09 -4.46 4.41
N THR A 415 -29.08 -4.30 3.54
CA THR A 415 -28.21 -3.13 3.56
C THR A 415 -28.97 -1.88 3.19
N LEU A 416 -29.74 -1.96 2.09
CA LEU A 416 -30.41 -0.79 1.49
C LEU A 416 -31.63 -0.31 2.26
N THR A 417 -32.56 -1.21 2.57
CA THR A 417 -33.82 -0.84 3.25
C THR A 417 -33.64 -0.74 4.77
N MET A 418 -33.46 -1.90 5.42
CA MET A 418 -33.54 -2.00 6.88
C MET A 418 -32.31 -1.38 7.55
N ALA A 419 -32.53 -0.57 8.58
CA ALA A 419 -31.45 0.00 9.37
C ALA A 419 -30.69 -1.09 10.12
N VAL A 420 -29.43 -0.81 10.42
CA VAL A 420 -28.56 -1.80 11.06
C VAL A 420 -29.08 -2.22 12.44
N GLU A 421 -29.02 -3.52 12.72
CA GLU A 421 -29.51 -4.09 13.97
C GLU A 421 -28.34 -4.63 14.78
N LEU A 422 -28.06 -3.95 15.90
CA LEU A 422 -26.92 -4.29 16.76
C LEU A 422 -27.39 -5.09 17.98
N PRO A 423 -26.53 -6.02 18.47
CA PRO A 423 -26.85 -6.76 19.68
C PRO A 423 -26.66 -5.90 20.93
N ASP A 424 -27.38 -6.23 21.99
CA ASP A 424 -27.37 -5.42 23.24
C ASP A 424 -26.04 -5.50 24.00
N SER A 425 -25.31 -6.59 23.80
CA SER A 425 -24.02 -6.80 24.47
C SER A 425 -22.95 -5.73 24.17
N PHE A 426 -23.08 -5.06 23.01
CA PHE A 426 -22.16 -3.97 22.63
C PHE A 426 -22.25 -2.78 23.59
N SER A 427 -21.10 -2.19 23.89
CA SER A 427 -21.01 -1.01 24.75
C SER A 427 -21.63 0.21 24.06
N PRO A 428 -22.13 1.20 24.83
CA PRO A 428 -22.72 2.40 24.23
C PRO A 428 -21.77 3.16 23.27
N GLU A 429 -20.47 3.13 23.57
CA GLU A 429 -19.44 3.77 22.72
C GLU A 429 -19.32 3.09 21.36
N LEU A 430 -19.35 1.76 21.35
CA LEU A 430 -19.31 0.97 20.11
C LEU A 430 -20.59 1.12 19.29
N ARG A 431 -21.74 1.33 19.94
CA ARG A 431 -23.00 1.57 19.22
C ARG A 431 -22.94 2.87 18.44
N SER A 432 -22.44 3.92 19.11
CA SER A 432 -22.27 5.22 18.49
C SER A 432 -21.38 5.15 17.24
N LEU A 433 -20.28 4.41 17.35
CA LEU A 433 -19.34 4.23 16.24
C LEU A 433 -19.98 3.50 15.06
N LEU A 434 -20.56 2.33 15.32
CA LEU A 434 -21.10 1.49 14.25
C LEU A 434 -22.32 2.12 13.60
N GLU A 435 -23.27 2.59 14.41
CA GLU A 435 -24.44 3.33 13.89
C GLU A 435 -24.03 4.51 13.02
N GLY A 436 -22.94 5.18 13.42
CA GLY A 436 -22.36 6.29 12.67
C GLY A 436 -21.71 5.86 11.38
N LEU A 437 -20.90 4.80 11.43
CA LEU A 437 -20.24 4.26 10.24
C LEU A 437 -21.22 3.60 9.27
N LEU A 438 -22.32 3.05 9.79
CA LEU A 438 -23.31 2.35 8.98
C LEU A 438 -24.60 3.17 8.70
N GLN A 439 -24.51 4.49 8.77
CA GLN A 439 -25.62 5.35 8.32
C GLN A 439 -25.82 5.19 6.82
N ARG A 440 -27.05 4.89 6.41
CA ARG A 440 -27.35 4.60 5.01
C ARG A 440 -27.15 5.83 4.12
N ASP A 441 -27.48 7.01 4.64
CA ASP A 441 -27.24 8.28 3.93
C ASP A 441 -25.81 8.76 4.17
N VAL A 442 -25.15 9.25 3.12
CA VAL A 442 -23.80 9.79 3.23
C VAL A 442 -23.78 11.07 4.08
N ASN A 443 -24.88 11.83 4.05
CA ASN A 443 -25.01 13.08 4.80
C ASN A 443 -25.18 12.92 6.32
N ARG A 444 -25.35 11.67 6.79
CA ARG A 444 -25.40 11.36 8.24
C ARG A 444 -24.17 10.58 8.75
N ARG A 445 -23.30 10.11 7.85
CA ARG A 445 -22.29 9.10 8.18
C ARG A 445 -20.96 9.66 8.67
N LEU A 446 -20.36 8.98 9.65
CA LEU A 446 -19.04 9.34 10.18
C LEU A 446 -17.96 9.27 9.11
N GLY A 447 -17.20 10.35 9.00
CA GLY A 447 -16.14 10.48 8.01
C GLY A 447 -16.60 11.03 6.68
N CYS A 448 -17.85 11.49 6.61
CA CYS A 448 -18.40 12.07 5.39
C CYS A 448 -18.95 13.50 5.56
N LEU A 449 -18.92 14.04 6.79
CA LEU A 449 -19.63 15.29 7.13
C LEU A 449 -18.82 16.57 6.89
N GLY A 450 -17.49 16.46 6.80
CA GLY A 450 -16.64 17.62 6.55
C GLY A 450 -15.17 17.39 6.90
N ARG A 451 -14.92 16.96 8.14
CA ARG A 451 -13.55 16.80 8.65
C ARG A 451 -12.88 15.48 8.28
N GLY A 452 -13.63 14.56 7.65
CA GLY A 452 -13.04 13.32 7.12
C GLY A 452 -12.74 12.29 8.21
N ALA A 453 -11.65 11.54 8.03
CA ALA A 453 -11.23 10.50 8.98
C ALA A 453 -11.18 10.96 10.43
N GLN A 454 -10.82 12.23 10.63
CA GLN A 454 -10.80 12.86 11.96
C GLN A 454 -12.13 12.74 12.74
N GLU A 455 -13.25 12.68 12.02
CA GLU A 455 -14.57 12.44 12.65
C GLU A 455 -14.66 11.06 13.31
N VAL A 456 -14.07 10.06 12.65
CA VAL A 456 -14.03 8.68 13.17
C VAL A 456 -13.07 8.60 14.38
N LYS A 457 -11.90 9.23 14.26
CA LYS A 457 -10.92 9.27 15.35
C LYS A 457 -11.47 9.90 16.65
N GLU A 458 -12.37 10.87 16.50
CA GLU A 458 -13.00 11.55 17.65
C GLU A 458 -14.16 10.77 18.29
N SER A 459 -14.50 9.59 17.78
CA SER A 459 -15.60 8.79 18.32
C SER A 459 -15.31 8.36 19.76
N PRO A 460 -16.36 8.31 20.62
CA PRO A 460 -16.19 7.84 22.01
C PRO A 460 -15.50 6.47 22.15
N PHE A 461 -15.65 5.60 21.15
CA PHE A 461 -14.97 4.30 21.14
C PHE A 461 -13.45 4.42 21.23
N PHE A 462 -12.89 5.47 20.64
CA PHE A 462 -11.44 5.74 20.68
C PHE A 462 -11.04 6.83 21.71
N ARG A 463 -11.85 7.03 22.76
CA ARG A 463 -11.53 7.94 23.87
C ARG A 463 -10.08 7.88 24.34
N SER A 464 -9.61 6.65 24.57
CA SER A 464 -8.33 6.41 25.25
C SER A 464 -7.12 6.21 24.33
N LEU A 465 -7.27 6.48 23.03
CA LEU A 465 -6.18 6.30 22.09
C LEU A 465 -5.46 7.61 21.79
N ASP A 466 -4.13 7.59 21.93
CA ASP A 466 -3.26 8.63 21.39
C ASP A 466 -2.90 8.23 19.97
N TRP A 467 -3.40 8.99 19.00
CA TRP A 467 -3.25 8.65 17.58
C TRP A 467 -1.85 8.83 17.01
N GLN A 468 -0.99 9.56 17.74
CA GLN A 468 0.45 9.56 17.46
C GLN A 468 1.05 8.18 17.80
N MET A 469 0.66 7.61 18.94
CA MET A 469 1.15 6.29 19.36
C MET A 469 0.57 5.12 18.55
N VAL A 470 -0.64 5.31 18.00
CA VAL A 470 -1.19 4.35 17.03
C VAL A 470 -0.31 4.35 15.78
N PHE A 471 -0.08 5.56 15.23
CA PHE A 471 0.78 5.77 14.06
C PHE A 471 2.20 5.20 14.24
N LEU A 472 2.76 5.40 15.42
CA LEU A 472 4.09 4.86 15.77
C LEU A 472 4.09 3.38 16.14
N GLN A 473 2.91 2.74 16.12
CA GLN A 473 2.76 1.29 16.32
C GLN A 473 3.23 0.84 17.71
N LYS A 474 2.89 1.64 18.73
CA LYS A 474 3.31 1.37 20.11
C LYS A 474 2.35 0.44 20.85
N TYR A 475 1.07 0.43 20.46
CA TYR A 475 0.07 -0.41 21.13
C TYR A 475 0.31 -1.90 20.85
N PRO A 476 0.18 -2.74 21.89
CA PRO A 476 0.43 -4.17 21.71
C PRO A 476 -0.68 -4.80 20.87
N PRO A 477 -0.31 -5.52 19.79
CA PRO A 477 -1.33 -6.22 19.01
C PRO A 477 -1.85 -7.46 19.75
N PRO A 478 -3.15 -7.77 19.60
CA PRO A 478 -3.78 -8.88 20.31
C PRO A 478 -3.53 -10.29 19.72
N LEU A 479 -2.89 -10.38 18.55
CA LEU A 479 -2.57 -11.67 17.93
C LEU A 479 -1.18 -11.60 17.29
N ILE A 480 -0.24 -12.35 17.85
CA ILE A 480 1.10 -12.50 17.28
C ILE A 480 1.10 -13.81 16.47
N PRO A 481 1.23 -13.72 15.12
CA PRO A 481 1.11 -14.90 14.23
C PRO A 481 2.00 -16.10 14.59
N PRO A 482 1.45 -17.33 14.51
CA PRO A 482 2.28 -18.55 14.55
C PRO A 482 2.99 -18.89 13.23
N ARG A 483 3.56 -20.09 13.15
CA ARG A 483 4.44 -20.51 12.03
C ARG A 483 3.71 -21.36 10.98
N GLY A 484 3.81 -20.96 9.71
CA GLY A 484 3.20 -21.70 8.60
C GLY A 484 3.95 -22.98 8.26
N GLU A 485 3.30 -23.85 7.49
CA GLU A 485 3.81 -25.20 7.17
C GLU A 485 4.55 -25.21 5.81
N VAL A 486 5.88 -25.33 5.86
CA VAL A 486 6.73 -25.41 4.66
C VAL A 486 6.65 -24.12 3.82
N GLU A 500 -2.18 -26.66 -17.94
CA GLU A 500 -2.94 -25.71 -17.04
C GLU A 500 -3.90 -24.82 -17.86
N ASP A 501 -4.42 -23.74 -17.25
CA ASP A 501 -5.38 -22.83 -17.91
C ASP A 501 -4.86 -22.17 -19.19
N THR A 502 -3.60 -21.72 -19.16
CA THR A 502 -3.01 -20.92 -20.24
C THR A 502 -2.88 -21.64 -21.60
N LYS A 503 -2.81 -22.97 -21.57
CA LYS A 503 -2.52 -23.78 -22.77
C LYS A 503 -3.41 -23.39 -23.96
N GLY A 504 -2.80 -22.77 -24.98
CA GLY A 504 -3.53 -22.25 -26.16
C GLY A 504 -3.29 -20.78 -26.45
N ILE A 505 -3.25 -19.95 -25.40
CA ILE A 505 -3.19 -18.49 -25.54
C ILE A 505 -1.79 -18.02 -25.95
N LYS A 506 -1.69 -17.30 -27.05
CA LYS A 506 -0.43 -16.68 -27.48
C LYS A 506 -0.29 -15.32 -26.81
N LEU A 507 0.89 -14.71 -26.87
CA LEU A 507 1.11 -13.32 -26.42
C LEU A 507 1.67 -12.48 -27.56
N LEU A 508 0.80 -11.69 -28.19
CA LEU A 508 1.16 -10.88 -29.36
C LEU A 508 1.90 -9.60 -28.94
N ASP A 509 2.46 -8.90 -29.93
CA ASP A 509 3.09 -7.59 -29.69
C ASP A 509 2.07 -6.58 -29.13
N SER A 510 0.84 -6.64 -29.64
CA SER A 510 -0.30 -5.84 -29.15
C SER A 510 -0.48 -5.91 -27.63
N ASP A 511 -0.30 -7.11 -27.08
CA ASP A 511 -0.46 -7.36 -25.65
C ASP A 511 0.68 -6.75 -24.84
N GLN A 512 1.90 -6.85 -25.36
CA GLN A 512 3.09 -6.28 -24.70
C GLN A 512 3.08 -4.76 -24.71
N GLU A 513 2.47 -4.17 -25.75
CA GLU A 513 2.29 -2.73 -25.88
C GLU A 513 1.42 -2.14 -24.75
N LEU A 514 0.43 -2.89 -24.26
CA LEU A 514 -0.42 -2.47 -23.13
C LEU A 514 0.34 -2.27 -21.82
N TYR A 515 1.49 -2.94 -21.68
CA TYR A 515 2.31 -2.85 -20.48
C TYR A 515 3.60 -2.04 -20.70
N ARG A 516 3.65 -1.24 -21.77
CA ARG A 516 4.80 -0.36 -22.07
C ARG A 516 5.21 0.56 -20.89
N ASN A 517 4.23 1.17 -20.24
CA ASN A 517 4.47 2.09 -19.11
C ASN A 517 4.29 1.43 -17.74
N PHE A 518 4.22 0.09 -17.70
CA PHE A 518 4.11 -0.64 -16.44
C PHE A 518 5.35 -0.47 -15.54
N PRO A 519 6.58 -0.51 -16.12
CA PRO A 519 7.78 -0.34 -15.28
C PRO A 519 7.81 1.01 -14.54
N LEU A 520 8.21 0.97 -13.28
CA LEU A 520 8.21 2.14 -12.42
C LEU A 520 9.08 1.85 -11.20
N THR A 521 9.74 2.88 -10.69
CA THR A 521 10.46 2.84 -9.43
C THR A 521 10.00 4.04 -8.60
N ILE A 522 9.78 3.82 -7.32
CA ILE A 522 9.42 4.90 -6.41
C ILE A 522 10.74 5.39 -5.80
N SER A 523 11.09 6.64 -6.06
CA SER A 523 12.38 7.18 -5.64
C SER A 523 12.60 7.03 -4.13
N GLU A 524 11.62 7.51 -3.34
CA GLU A 524 11.66 7.37 -1.87
C GLU A 524 12.02 5.98 -1.40
N ARG A 525 11.40 4.98 -2.04
CA ARG A 525 11.50 3.59 -1.63
C ARG A 525 12.87 3.00 -1.91
N TRP A 526 13.37 3.20 -3.13
CA TRP A 526 14.71 2.74 -3.48
C TRP A 526 15.76 3.40 -2.60
N GLN A 527 15.60 4.70 -2.37
CA GLN A 527 16.52 5.45 -1.52
C GLN A 527 16.48 4.96 -0.06
N GLN A 528 15.28 4.76 0.46
CA GLN A 528 15.12 4.26 1.83
C GLN A 528 15.71 2.84 1.98
N GLU A 529 15.48 2.00 0.98
CA GLU A 529 16.07 0.67 0.90
C GLU A 529 17.59 0.75 0.98
N VAL A 530 18.19 1.59 0.14
CA VAL A 530 19.64 1.77 0.11
C VAL A 530 20.17 2.32 1.43
N ALA A 531 19.48 3.33 1.95
CA ALA A 531 19.86 3.96 3.23
C ALA A 531 19.93 2.98 4.38
N GLU A 532 18.97 2.06 4.46
CA GLU A 532 18.88 1.09 5.57
C GLU A 532 19.73 -0.19 5.39
N THR A 533 20.41 -0.34 4.25
CA THR A 533 21.12 -1.59 3.93
C THR A 533 22.60 -1.39 3.57
N VAL A 534 22.88 -0.82 2.39
CA VAL A 534 24.26 -0.81 1.82
C VAL A 534 24.90 0.58 1.63
N PHE A 535 24.17 1.64 1.98
CA PHE A 535 24.62 3.02 1.73
C PHE A 535 26.01 3.27 2.33
N ASP A 536 26.14 3.13 3.66
CA ASP A 536 27.41 3.39 4.36
C ASP A 536 28.53 2.47 3.91
N THR A 537 28.21 1.19 3.72
CA THR A 537 29.20 0.19 3.32
C THR A 537 29.76 0.51 1.95
N ILE A 538 28.88 0.73 0.98
CA ILE A 538 29.27 1.02 -0.40
C ILE A 538 29.99 2.37 -0.50
N ASN A 539 29.53 3.37 0.25
CA ASN A 539 30.22 4.66 0.36
C ASN A 539 31.66 4.50 0.87
N ALA A 540 31.85 3.62 1.84
CA ALA A 540 33.19 3.34 2.38
C ALA A 540 34.05 2.55 1.38
N GLU A 541 33.48 1.50 0.79
CA GLU A 541 34.14 0.72 -0.27
C GLU A 541 34.58 1.59 -1.44
N THR A 542 33.68 2.47 -1.88
CA THR A 542 33.93 3.36 -3.03
C THR A 542 35.03 4.40 -2.75
N ASP A 543 35.12 4.88 -1.50
CA ASP A 543 36.19 5.81 -1.09
C ASP A 543 37.59 5.20 -1.24
N ARG A 544 37.72 3.90 -0.94
CA ARG A 544 38.99 3.18 -1.12
C ARG A 544 39.39 3.04 -2.59
N LEU A 545 38.42 2.73 -3.44
CA LEU A 545 38.66 2.68 -4.89
C LEU A 545 39.07 4.03 -5.47
N GLU A 546 38.58 5.12 -4.88
CA GLU A 546 38.80 6.48 -5.39
C GLU A 546 39.96 7.21 -4.72
N ALA A 547 40.34 6.82 -3.50
CA ALA A 547 41.51 7.39 -2.82
C ALA A 547 42.80 6.89 -3.46
#